data_4V3E
#
_entry.id   4V3E
#
_cell.length_a   56.019
_cell.length_b   56.019
_cell.length_c   250.505
_cell.angle_alpha   90.00
_cell.angle_beta   90.00
_cell.angle_gamma   120.00
#
_symmetry.space_group_name_H-M   'P 32 2 1'
#
loop_
_entity.id
_entity.type
_entity.pdbx_description
1 polymer 'IT4VAR07 CIDRA'
2 polymer 'ENDOTHELIAL PROTEIN C RECEPTOR'
3 branched alpha-D-mannopyranose-(1-4)-2-acetamido-2-deoxy-beta-D-glucopyranose-(1-4)-2-acetamido-2-deoxy-beta-D-glucopyranose
4 branched 2-acetamido-2-deoxy-beta-D-glucopyranose-(1-4)-2-acetamido-2-deoxy-beta-D-glucopyranose
5 non-polymer PHOSPHATIDYLETHANOLAMINE
6 non-polymer 2-acetamido-2-deoxy-beta-D-glucopyranose
#
loop_
_entity_poly.entity_id
_entity_poly.type
_entity_poly.pdbx_seq_one_letter_code
_entity_poly.pdbx_strand_id
1 'polypeptide(L)'
;PDCGVICENGKCVVKENGSNCRHYNIYEPAPDVKTTEINVIVSGDEQGIITKKLQDFCMNPNNENGTNNQIWKCYYKDEK
EDKCKVETKSGNSTYKEKITSFDEFFDFWVRKLLIDTIKWETELTYCINNTTNADCNNECNKNCVCFDKWVKQKEKEWKN
IMDLFTNKHDIPKKYYLNINDLFNSFFFQVIYKFNEGEAKWNKLKENLKKKTESSKKNKGTKDSEAAIKVLFDHLKETAT
ICKDNNTNEAC
;
A
2 'polypeptide(L)'
;LQRLHMLQISYFRDPYHVWYQGNASLGGHLTHVLEGPDTNTTIIQLQPLQEPESWARTQSGLQSYLLQFHGLVRLVHQER
TLAFPLTIRCFLGCELPPEGSRAHVFFEVAVNGSSFVSFRPERALWQADTQVTSGVVTFTLQQLNAYNRTRYELREFLED
TCVQYVQKHIS
;
B
#
loop_
_chem_comp.id
_chem_comp.type
_chem_comp.name
_chem_comp.formula
MAN D-saccharide, alpha linking alpha-D-mannopyranose 'C6 H12 O6'
NAG D-saccharide, beta linking 2-acetamido-2-deoxy-beta-D-glucopyranose 'C8 H15 N O6'
PTY non-polymer PHOSPHATIDYLETHANOLAMINE 'C40 H80 N O8 P'
#
# COMPACT_ATOMS: atom_id res chain seq x y z
N PRO A 31 -3.23 32.04 -3.33
CA PRO A 31 -3.33 31.70 -1.90
C PRO A 31 -4.60 30.92 -1.55
N ASP A 32 -5.59 30.89 -2.44
CA ASP A 32 -6.46 29.73 -2.54
C ASP A 32 -5.70 28.49 -3.03
N VAL A 33 -5.05 28.63 -4.20
CA VAL A 33 -4.25 27.57 -4.84
C VAL A 33 -2.78 27.75 -4.45
N LYS A 34 -2.21 26.76 -3.72
CA LYS A 34 -0.80 26.75 -3.33
C LYS A 34 -0.02 26.12 -4.47
N THR A 35 1.19 26.63 -4.75
CA THR A 35 2.04 26.18 -5.85
C THR A 35 3.44 25.85 -5.38
N THR A 36 3.99 24.75 -5.91
CA THR A 36 5.37 24.32 -5.64
C THR A 36 6.03 23.61 -6.82
N GLU A 37 7.37 23.66 -6.82
CA GLU A 37 8.26 22.98 -7.76
C GLU A 37 8.95 21.85 -6.97
N ILE A 38 8.87 20.63 -7.48
CA ILE A 38 9.48 19.46 -6.83
C ILE A 38 10.39 18.78 -7.87
N ASN A 39 11.72 18.80 -7.64
CA ASN A 39 12.67 18.12 -8.53
C ASN A 39 12.91 16.69 -8.00
N VAL A 40 12.16 15.74 -8.57
CA VAL A 40 12.17 14.33 -8.18
C VAL A 40 13.34 13.53 -8.76
N ILE A 41 14.14 12.88 -7.88
CA ILE A 41 15.25 12.00 -8.24
C ILE A 41 14.73 10.56 -8.36
N VAL A 42 14.41 10.21 -9.60
CA VAL A 42 13.83 8.93 -10.00
C VAL A 42 14.93 7.89 -10.24
N SER A 43 14.86 6.75 -9.53
CA SER A 43 15.80 5.66 -9.74
C SER A 43 15.58 5.12 -11.14
N GLY A 44 14.40 4.60 -11.38
CA GLY A 44 14.00 3.99 -12.63
C GLY A 44 13.09 2.84 -12.30
N ASP A 45 12.11 2.58 -13.18
CA ASP A 45 11.15 1.52 -12.91
C ASP A 45 11.65 0.13 -13.37
N GLU A 46 13.00 0.01 -13.45
CA GLU A 46 13.82 -1.11 -13.89
C GLU A 46 14.42 -2.02 -12.82
N GLN A 47 14.72 -3.29 -13.23
CA GLN A 47 15.38 -4.35 -12.45
C GLN A 47 16.89 -4.08 -12.44
N GLY A 48 17.45 -3.95 -11.24
CA GLY A 48 18.88 -3.69 -11.08
C GLY A 48 19.29 -2.97 -9.82
N ILE A 49 20.61 -2.95 -9.59
CA ILE A 49 21.28 -2.33 -8.46
C ILE A 49 20.95 -0.83 -8.43
N ILE A 50 20.47 -0.36 -7.28
CA ILE A 50 20.07 1.04 -7.09
C ILE A 50 21.20 2.05 -7.48
N THR A 51 22.44 1.67 -7.17
CA THR A 51 23.66 2.45 -7.39
C THR A 51 23.99 2.72 -8.85
N LYS A 52 23.57 1.83 -9.80
CA LYS A 52 23.84 2.04 -11.23
C LYS A 52 22.85 3.01 -11.87
N LYS A 53 21.55 2.97 -11.50
CA LYS A 53 20.64 3.95 -12.11
C LYS A 53 20.89 5.33 -11.52
N LEU A 54 21.09 5.37 -10.20
CA LEU A 54 21.40 6.61 -9.52
C LEU A 54 22.88 7.00 -9.67
N GLN A 55 23.65 6.26 -10.51
CA GLN A 55 25.06 6.49 -10.83
C GLN A 55 25.25 7.93 -11.33
N ASP A 56 24.44 8.32 -12.36
CA ASP A 56 24.40 9.66 -12.94
C ASP A 56 24.08 10.74 -11.88
N PHE A 57 23.31 10.38 -10.82
CA PHE A 57 22.94 11.24 -9.68
C PHE A 57 24.05 11.26 -8.62
N CYS A 58 24.81 10.15 -8.47
CA CYS A 58 25.87 10.05 -7.46
C CYS A 58 27.08 10.91 -7.81
N MET A 59 27.48 10.92 -9.09
CA MET A 59 28.57 11.73 -9.60
C MET A 59 28.07 13.19 -9.68
N ASN A 60 26.86 13.39 -10.25
CA ASN A 60 26.21 14.70 -10.42
C ASN A 60 25.00 14.87 -9.42
N PRO A 61 25.24 15.47 -8.22
CA PRO A 61 24.15 15.61 -7.23
C PRO A 61 23.01 16.55 -7.63
N ASN A 62 23.21 17.87 -7.44
CA ASN A 62 22.21 18.90 -7.76
C ASN A 62 22.24 19.20 -9.27
N ASN A 63 21.14 18.87 -9.99
CA ASN A 63 21.09 19.08 -11.44
C ASN A 63 19.73 19.25 -12.07
N GLU A 64 19.62 20.21 -13.02
CA GLU A 64 18.43 20.47 -13.84
C GLU A 64 18.36 19.41 -14.95
N ASN A 65 19.54 18.84 -15.29
CA ASN A 65 19.72 17.75 -16.24
C ASN A 65 20.07 16.48 -15.42
N GLY A 66 20.57 15.45 -16.07
CA GLY A 66 20.86 14.17 -15.45
C GLY A 66 19.75 13.20 -15.79
N THR A 67 20.08 11.93 -15.99
CA THR A 67 19.11 10.89 -16.35
C THR A 67 18.01 10.72 -15.29
N ASN A 68 18.29 11.10 -14.04
CA ASN A 68 17.39 10.97 -12.90
C ASN A 68 16.56 12.22 -12.49
N ASN A 69 16.70 13.34 -13.25
CA ASN A 69 15.95 14.57 -12.97
C ASN A 69 14.54 14.42 -13.48
N GLN A 70 13.59 14.99 -12.73
CA GLN A 70 12.16 15.01 -13.06
C GLN A 70 11.53 16.20 -12.36
N ILE A 71 11.34 17.28 -13.14
CA ILE A 71 10.76 18.55 -12.72
C ILE A 71 9.25 18.51 -12.66
N TRP A 72 8.72 18.59 -11.45
CA TRP A 72 7.28 18.62 -11.25
C TRP A 72 6.85 19.99 -10.72
N LYS A 73 5.68 20.43 -11.17
CA LYS A 73 5.03 21.67 -10.74
C LYS A 73 3.64 21.26 -10.25
N CYS A 74 3.37 21.44 -8.96
CA CYS A 74 2.10 21.05 -8.39
C CYS A 74 1.26 22.25 -7.91
N TYR A 75 -0.06 22.10 -7.99
CA TYR A 75 -1.06 23.07 -7.63
C TYR A 75 -2.10 22.37 -6.75
N TYR A 76 -2.33 22.89 -5.52
CA TYR A 76 -3.33 22.28 -4.63
C TYR A 76 -4.32 23.31 -4.04
N LYS A 77 -5.64 23.06 -4.24
CA LYS A 77 -6.75 23.88 -3.71
C LYS A 77 -7.51 22.98 -2.72
N ASP A 78 -8.27 22.01 -3.24
CA ASP A 78 -9.02 21.03 -2.47
C ASP A 78 -8.52 19.66 -2.88
N GLU A 79 -9.08 18.59 -2.32
CA GLU A 79 -8.80 17.21 -2.74
C GLU A 79 -9.74 16.91 -3.94
N LYS A 80 -10.75 17.80 -4.10
CA LYS A 80 -11.66 17.83 -5.24
C LYS A 80 -10.82 18.46 -6.36
N GLU A 81 -10.24 19.68 -6.13
CA GLU A 81 -9.39 20.25 -7.17
C GLU A 81 -7.90 20.52 -6.87
N ASP A 82 -7.06 19.67 -7.53
CA ASP A 82 -5.60 19.60 -7.44
C ASP A 82 -5.01 19.17 -8.79
N LYS A 83 -3.79 19.66 -9.10
CA LYS A 83 -3.05 19.37 -10.33
C LYS A 83 -1.55 19.23 -10.10
N CYS A 84 -0.89 18.52 -11.01
CA CYS A 84 0.56 18.32 -11.06
C CYS A 84 0.98 18.22 -12.53
N LYS A 85 2.18 18.73 -12.88
CA LYS A 85 2.69 18.66 -14.25
C LYS A 85 4.20 18.43 -14.32
N VAL A 86 4.67 17.78 -15.42
CA VAL A 86 6.10 17.51 -15.72
C VAL A 86 6.57 18.30 -16.94
N LYS A 96 6.32 13.79 -21.86
CA LYS A 96 7.20 14.72 -21.15
C LYS A 96 6.36 15.79 -20.41
N GLU A 97 5.39 16.41 -21.12
CA GLU A 97 4.50 17.45 -20.59
C GLU A 97 3.23 16.83 -19.97
N LYS A 98 3.41 15.74 -19.20
CA LYS A 98 2.27 15.07 -18.58
C LYS A 98 1.67 15.88 -17.43
N ILE A 99 0.32 15.95 -17.36
CA ILE A 99 -0.42 16.58 -16.27
C ILE A 99 -1.22 15.49 -15.53
N THR A 100 -0.91 15.28 -14.26
CA THR A 100 -1.57 14.25 -13.45
C THR A 100 -2.30 14.91 -12.30
N SER A 101 -3.10 14.13 -11.55
CA SER A 101 -3.76 14.61 -10.33
C SER A 101 -2.68 14.57 -9.24
N PHE A 102 -2.91 15.27 -8.12
CA PHE A 102 -1.91 15.24 -7.06
C PHE A 102 -1.78 13.82 -6.51
N ASP A 103 -2.92 13.13 -6.29
CA ASP A 103 -3.04 11.73 -5.83
C ASP A 103 -2.24 10.78 -6.70
N GLU A 104 -2.24 10.98 -8.04
CA GLU A 104 -1.48 10.15 -8.97
C GLU A 104 0.05 10.31 -8.76
N PHE A 105 0.49 11.58 -8.65
CA PHE A 105 1.88 11.95 -8.42
C PHE A 105 2.37 11.45 -7.06
N PHE A 106 1.55 11.71 -6.01
CA PHE A 106 1.85 11.34 -4.64
C PHE A 106 1.93 9.83 -4.43
N ASP A 107 1.07 9.05 -5.13
CA ASP A 107 1.09 7.58 -5.07
C ASP A 107 2.38 7.11 -5.68
N PHE A 108 2.75 7.72 -6.81
CA PHE A 108 4.00 7.40 -7.50
C PHE A 108 5.21 7.72 -6.60
N TRP A 109 5.23 8.91 -6.00
CA TRP A 109 6.30 9.40 -5.16
C TRP A 109 6.54 8.55 -3.93
N VAL A 110 5.45 8.27 -3.16
CA VAL A 110 5.53 7.43 -1.97
C VAL A 110 5.94 6.00 -2.35
N ARG A 111 5.30 5.41 -3.38
CA ARG A 111 5.57 4.06 -3.85
C ARG A 111 7.06 3.91 -4.20
N LYS A 112 7.61 4.87 -4.99
CA LYS A 112 9.00 4.86 -5.43
C LYS A 112 9.96 5.13 -4.25
N LEU A 113 9.58 6.00 -3.28
CA LEU A 113 10.37 6.25 -2.08
C LEU A 113 10.56 4.96 -1.31
N LEU A 114 9.48 4.20 -1.10
CA LEU A 114 9.52 2.95 -0.36
C LEU A 114 10.30 1.84 -1.08
N ILE A 115 10.14 1.72 -2.43
CA ILE A 115 10.87 0.74 -3.27
C ILE A 115 12.37 1.02 -3.21
N ASP A 116 12.80 2.30 -3.45
CA ASP A 116 14.20 2.72 -3.44
C ASP A 116 14.84 2.52 -2.07
N THR A 117 14.07 2.81 -0.95
CA THR A 117 14.59 2.59 0.39
C THR A 117 15.00 1.13 0.61
N ILE A 118 14.13 0.19 0.22
CA ILE A 118 14.39 -1.26 0.31
C ILE A 118 15.55 -1.69 -0.59
N LYS A 119 15.58 -1.17 -1.82
CA LYS A 119 16.66 -1.46 -2.79
C LYS A 119 18.02 -0.98 -2.22
N TRP A 120 18.05 0.25 -1.62
CA TRP A 120 19.24 0.85 -0.96
C TRP A 120 19.65 0.03 0.22
N GLU A 121 18.70 -0.36 1.08
CA GLU A 121 18.97 -1.14 2.32
C GLU A 121 19.62 -2.49 2.04
N THR A 122 19.15 -3.19 0.99
CA THR A 122 19.68 -4.51 0.57
C THR A 122 21.10 -4.34 0.05
N GLU A 123 21.34 -3.25 -0.70
CA GLU A 123 22.64 -2.94 -1.26
C GLU A 123 23.63 -2.53 -0.18
N LEU A 124 23.19 -1.71 0.79
CA LEU A 124 24.05 -1.28 1.90
C LEU A 124 24.19 -2.30 3.05
N THR A 125 23.50 -3.45 2.99
CA THR A 125 23.57 -4.51 4.02
C THR A 125 25.03 -5.00 4.21
N TYR A 126 25.82 -5.06 3.12
CA TYR A 126 27.22 -5.48 3.16
C TYR A 126 28.07 -4.31 3.71
N CYS A 127 27.53 -3.07 3.59
CA CYS A 127 28.11 -1.81 4.07
C CYS A 127 27.65 -1.55 5.53
N ILE A 128 27.19 -2.64 6.20
CA ILE A 128 26.74 -2.74 7.60
C ILE A 128 27.19 -4.13 8.18
N ASN A 133 34.67 -1.23 8.18
CA ASN A 133 34.91 -0.08 9.04
C ASN A 133 36.15 0.75 8.63
N ALA A 134 37.18 0.07 8.07
CA ALA A 134 38.42 0.69 7.60
C ALA A 134 38.80 0.14 6.22
N ASP A 135 39.01 1.05 5.22
CA ASP A 135 39.38 0.69 3.84
C ASP A 135 40.14 1.78 3.02
N CYS A 136 40.35 1.52 1.69
CA CYS A 136 41.04 2.38 0.73
C CYS A 136 40.13 2.93 -0.39
N ASN A 137 39.39 4.03 -0.07
CA ASN A 137 38.44 4.76 -0.94
C ASN A 137 37.37 3.80 -1.56
N ASN A 138 36.81 2.96 -0.66
CA ASN A 138 35.86 1.87 -0.86
C ASN A 138 34.68 2.23 -1.76
N GLU A 139 34.17 1.20 -2.51
CA GLU A 139 32.99 1.26 -3.38
C GLU A 139 31.78 1.35 -2.43
N CYS A 140 31.84 0.57 -1.34
CA CYS A 140 30.93 0.49 -0.20
C CYS A 140 30.82 1.86 0.44
N ASN A 141 31.93 2.65 0.41
CA ASN A 141 31.97 3.99 0.99
C ASN A 141 31.35 4.96 0.01
N LYS A 142 31.55 4.75 -1.29
CA LYS A 142 30.97 5.58 -2.36
C LYS A 142 29.43 5.40 -2.41
N ASN A 143 28.95 4.15 -2.20
CA ASN A 143 27.53 3.74 -2.14
C ASN A 143 26.86 4.48 -0.98
N CYS A 144 27.61 4.55 0.12
CA CYS A 144 27.18 5.18 1.34
C CYS A 144 27.09 6.68 1.21
N VAL A 145 28.02 7.30 0.48
CA VAL A 145 28.06 8.74 0.23
C VAL A 145 26.87 9.10 -0.64
N CYS A 146 26.57 8.29 -1.68
CA CYS A 146 25.42 8.55 -2.53
C CYS A 146 24.10 8.39 -1.81
N PHE A 147 23.98 7.38 -0.91
CA PHE A 147 22.76 7.14 -0.11
C PHE A 147 22.43 8.34 0.75
N ASP A 148 23.44 8.90 1.46
CA ASP A 148 23.30 10.07 2.33
C ASP A 148 22.86 11.29 1.52
N LYS A 149 23.42 11.44 0.31
CA LYS A 149 23.07 12.50 -0.62
C LYS A 149 21.63 12.29 -1.10
N TRP A 150 21.26 11.01 -1.39
CA TRP A 150 19.95 10.61 -1.84
C TRP A 150 18.89 10.85 -0.78
N VAL A 151 19.18 10.52 0.52
CA VAL A 151 18.25 10.75 1.65
C VAL A 151 17.93 12.23 1.70
N LYS A 152 18.99 13.09 1.65
CA LYS A 152 18.91 14.56 1.69
C LYS A 152 18.06 15.09 0.53
N GLN A 153 18.23 14.51 -0.67
CA GLN A 153 17.46 14.86 -1.87
C GLN A 153 15.98 14.52 -1.64
N LYS A 154 15.70 13.33 -1.06
CA LYS A 154 14.32 12.86 -0.77
C LYS A 154 13.63 13.71 0.26
N GLU A 155 14.38 14.22 1.27
CA GLU A 155 13.88 15.14 2.30
C GLU A 155 13.50 16.47 1.65
N LYS A 156 14.30 16.95 0.69
CA LYS A 156 14.03 18.18 -0.05
C LYS A 156 12.77 18.02 -0.89
N GLU A 157 12.60 16.85 -1.54
CA GLU A 157 11.43 16.50 -2.34
C GLU A 157 10.18 16.49 -1.45
N TRP A 158 10.28 15.86 -0.26
CA TRP A 158 9.20 15.78 0.70
C TRP A 158 8.78 17.15 1.26
N LYS A 159 9.76 18.00 1.68
CA LYS A 159 9.46 19.34 2.20
C LYS A 159 8.83 20.25 1.16
N ASN A 160 9.24 20.12 -0.13
CA ASN A 160 8.69 20.88 -1.25
C ASN A 160 7.23 20.46 -1.47
N ILE A 161 6.91 19.16 -1.31
CA ILE A 161 5.56 18.58 -1.43
C ILE A 161 4.70 19.12 -0.28
N MET A 162 5.30 19.24 0.91
CA MET A 162 4.63 19.77 2.10
C MET A 162 4.26 21.26 2.02
N ASP A 163 4.97 22.05 1.19
CA ASP A 163 4.71 23.48 0.97
C ASP A 163 3.31 23.71 0.41
N LEU A 164 2.73 22.68 -0.23
CA LEU A 164 1.36 22.75 -0.78
C LEU A 164 0.29 22.76 0.30
N PHE A 165 0.70 22.58 1.57
CA PHE A 165 -0.20 22.55 2.72
C PHE A 165 0.14 23.67 3.74
N THR A 166 -0.79 24.61 3.92
CA THR A 166 -0.67 25.78 4.81
C THR A 166 -0.27 25.45 6.26
N ASN A 167 -1.01 24.54 6.91
CA ASN A 167 -0.72 24.16 8.30
C ASN A 167 -0.63 22.64 8.56
N LYS A 168 0.20 22.25 9.54
CA LYS A 168 0.42 20.86 9.94
C LYS A 168 -0.86 20.26 10.54
N HIS A 169 -1.63 21.08 11.32
CA HIS A 169 -2.91 20.71 11.93
C HIS A 169 -3.97 20.21 10.91
N ASP A 170 -3.90 20.74 9.65
CA ASP A 170 -4.81 20.32 8.57
C ASP A 170 -4.13 19.97 7.24
N ILE A 171 -3.53 18.79 7.21
CA ILE A 171 -2.91 18.12 6.07
C ILE A 171 -3.75 16.83 5.94
N PRO A 172 -4.45 16.58 4.81
CA PRO A 172 -5.37 15.43 4.75
C PRO A 172 -4.81 14.08 5.22
N LYS A 173 -5.63 13.26 5.93
CA LYS A 173 -5.22 11.94 6.42
C LYS A 173 -4.70 11.10 5.26
N LYS A 174 -5.33 11.26 4.08
CA LYS A 174 -5.01 10.61 2.81
C LYS A 174 -3.52 10.69 2.47
N TYR A 175 -2.83 11.83 2.76
CA TYR A 175 -1.40 12.09 2.46
C TYR A 175 -0.47 12.08 3.66
N TYR A 176 -0.99 11.77 4.84
CA TYR A 176 -0.21 11.83 6.06
C TYR A 176 -0.54 10.61 6.91
N LEU A 177 -0.45 9.43 6.32
CA LEU A 177 -0.81 8.14 6.94
C LEU A 177 0.16 7.66 8.01
N ASN A 178 -0.33 6.88 8.98
CA ASN A 178 0.51 6.29 10.02
C ASN A 178 1.21 5.07 9.48
N ILE A 179 2.08 4.42 10.28
CA ILE A 179 2.87 3.25 9.90
C ILE A 179 2.00 2.11 9.40
N ASN A 180 0.96 1.71 10.19
CA ASN A 180 0.05 0.64 9.80
C ASN A 180 -0.66 0.96 8.52
N ASP A 181 -1.22 2.17 8.37
CA ASP A 181 -1.95 2.56 7.17
C ASP A 181 -1.12 2.57 5.93
N LEU A 182 0.08 3.20 5.99
CA LEU A 182 1.00 3.30 4.87
C LEU A 182 1.49 1.90 4.41
N PHE A 183 1.84 1.04 5.37
CA PHE A 183 2.30 -0.32 5.07
C PHE A 183 1.19 -1.26 4.56
N ASN A 184 -0.09 -0.94 4.82
CA ASN A 184 -1.24 -1.67 4.34
C ASN A 184 -1.54 -1.20 2.92
N SER A 185 -1.62 0.14 2.72
CA SER A 185 -1.90 0.83 1.46
C SER A 185 -0.93 0.54 0.35
N PHE A 186 0.38 0.37 0.69
CA PHE A 186 1.43 0.11 -0.31
C PHE A 186 2.01 -1.32 -0.28
N PHE A 187 1.32 -2.26 0.42
CA PHE A 187 1.74 -3.64 0.54
C PHE A 187 2.04 -4.24 -0.84
N PHE A 188 1.00 -4.41 -1.68
CA PHE A 188 1.10 -5.01 -3.01
C PHE A 188 2.01 -4.27 -3.99
N GLN A 189 1.92 -2.91 -4.04
CA GLN A 189 2.74 -2.09 -4.94
C GLN A 189 4.24 -2.16 -4.73
N VAL A 190 4.68 -2.18 -3.47
CA VAL A 190 6.10 -2.24 -3.14
C VAL A 190 6.64 -3.68 -3.24
N ILE A 191 5.93 -4.62 -2.56
CA ILE A 191 6.18 -6.06 -2.47
C ILE A 191 6.42 -6.68 -3.84
N TYR A 192 5.68 -6.25 -4.88
CA TYR A 192 5.71 -6.75 -6.25
C TYR A 192 7.13 -6.74 -6.85
N LYS A 193 7.88 -5.66 -6.57
CA LYS A 193 9.21 -5.46 -7.09
C LYS A 193 10.27 -6.42 -6.57
N PHE A 194 10.01 -7.06 -5.44
CA PHE A 194 10.99 -7.88 -4.73
C PHE A 194 10.68 -9.32 -4.56
N ASN A 195 11.72 -10.14 -4.70
CA ASN A 195 11.67 -11.57 -4.37
C ASN A 195 11.86 -11.49 -2.83
N GLU A 196 11.03 -12.24 -2.06
CA GLU A 196 10.99 -12.21 -0.57
C GLU A 196 10.55 -10.79 -0.10
N GLY A 197 9.70 -10.16 -0.92
CA GLY A 197 9.21 -8.81 -0.71
C GLY A 197 8.38 -8.61 0.54
N GLU A 198 7.58 -9.65 0.92
CA GLU A 198 6.71 -9.69 2.09
C GLU A 198 7.53 -9.60 3.38
N ALA A 199 8.73 -10.22 3.40
CA ALA A 199 9.65 -10.24 4.54
C ALA A 199 10.37 -8.90 4.72
N LYS A 200 10.85 -8.30 3.60
CA LYS A 200 11.57 -7.02 3.59
C LYS A 200 10.66 -5.86 4.05
N TRP A 201 9.36 -5.96 3.67
CA TRP A 201 8.29 -5.02 4.00
C TRP A 201 7.98 -5.11 5.49
N ASN A 202 7.94 -6.35 6.04
CA ASN A 202 7.70 -6.56 7.45
C ASN A 202 8.88 -6.07 8.27
N LYS A 203 10.11 -6.27 7.75
CA LYS A 203 11.32 -5.81 8.39
C LYS A 203 11.32 -4.28 8.49
N LEU A 204 10.92 -3.58 7.40
CA LEU A 204 10.85 -2.13 7.36
C LEU A 204 9.78 -1.62 8.33
N LYS A 205 8.61 -2.25 8.37
CA LYS A 205 7.54 -1.86 9.26
C LYS A 205 7.94 -1.99 10.75
N GLU A 206 8.60 -3.10 11.15
CA GLU A 206 9.08 -3.31 12.52
C GLU A 206 10.14 -2.27 12.90
N ASN A 207 11.03 -1.92 11.96
CA ASN A 207 12.07 -0.94 12.17
C ASN A 207 11.53 0.47 12.33
N LEU A 208 10.39 0.78 11.68
CA LEU A 208 9.74 2.09 11.83
C LEU A 208 9.00 2.11 13.17
N LYS A 209 8.42 0.95 13.55
CA LYS A 209 7.70 0.74 14.80
C LYS A 209 8.65 0.85 16.02
N LYS A 210 9.94 0.44 15.84
CA LYS A 210 11.01 0.59 16.84
C LYS A 210 11.46 2.06 16.99
N LYS A 211 11.73 2.71 15.87
CA LYS A 211 12.09 4.09 15.95
C LYS A 211 11.48 5.21 16.72
N THR A 212 10.20 5.47 16.46
CA THR A 212 9.48 6.46 17.22
C THR A 212 8.63 5.38 17.88
N GLU A 225 2.20 9.55 14.84
CA GLU A 225 3.03 10.24 13.82
C GLU A 225 3.00 9.57 12.46
N ALA A 226 3.05 10.42 11.42
CA ALA A 226 3.10 10.08 10.01
C ALA A 226 4.28 9.18 9.71
N ALA A 227 4.03 8.11 8.94
CA ALA A 227 5.00 7.09 8.57
C ALA A 227 6.21 7.60 7.79
N ILE A 228 6.01 8.63 6.94
CA ILE A 228 7.07 9.22 6.14
C ILE A 228 8.14 9.95 7.02
N LYS A 229 7.71 10.66 8.12
CA LYS A 229 8.67 11.30 9.01
C LYS A 229 9.48 10.23 9.74
N VAL A 230 8.80 9.16 10.22
CA VAL A 230 9.46 8.04 10.91
C VAL A 230 10.44 7.37 9.92
N LEU A 231 10.04 7.22 8.64
CA LEU A 231 10.86 6.62 7.59
C LEU A 231 12.09 7.47 7.37
N PHE A 232 11.92 8.82 7.31
CA PHE A 232 13.05 9.74 7.14
C PHE A 232 14.02 9.68 8.29
N ASP A 233 13.51 9.53 9.54
CA ASP A 233 14.34 9.33 10.73
C ASP A 233 15.15 8.03 10.60
N HIS A 234 14.51 6.95 10.17
CA HIS A 234 15.14 5.66 9.93
C HIS A 234 16.22 5.75 8.83
N LEU A 235 15.95 6.46 7.68
CA LEU A 235 16.91 6.61 6.56
C LEU A 235 18.12 7.39 6.99
N LYS A 236 17.89 8.53 7.70
CA LYS A 236 18.92 9.44 8.22
C LYS A 236 19.87 8.66 9.12
N GLU A 237 19.30 7.81 10.00
CA GLU A 237 20.01 6.93 10.93
C GLU A 237 20.85 5.87 10.17
N THR A 238 20.27 5.22 9.11
CA THR A 238 20.94 4.22 8.28
C THR A 238 22.19 4.85 7.67
N ALA A 239 22.07 6.10 7.14
CA ALA A 239 23.15 6.86 6.53
C ALA A 239 24.20 7.19 7.57
N THR A 240 23.78 7.53 8.82
CA THR A 240 24.71 7.83 9.92
C THR A 240 25.58 6.60 10.21
N ILE A 241 24.93 5.44 10.51
CA ILE A 241 25.58 4.15 10.81
C ILE A 241 26.54 3.76 9.70
N CYS A 242 26.05 3.87 8.46
CA CYS A 242 26.73 3.51 7.23
C CYS A 242 28.04 4.30 7.02
N LYS A 243 27.96 5.65 7.17
CA LYS A 243 29.07 6.58 7.02
C LYS A 243 30.14 6.38 8.09
N ASP A 244 29.70 6.19 9.36
CA ASP A 244 30.57 5.95 10.51
C ASP A 244 31.33 4.63 10.40
N ASN A 245 30.67 3.58 9.88
CA ASN A 245 31.25 2.25 9.66
C ASN A 245 31.92 2.13 8.27
N ASN A 246 32.21 3.28 7.61
CA ASN A 246 32.87 3.30 6.31
C ASN A 246 33.87 4.46 6.11
N THR A 247 33.40 5.73 6.21
CA THR A 247 34.21 6.99 6.10
C THR A 247 34.94 7.22 4.78
N GLN B 2 -25.19 -22.32 11.45
CA GLN B 2 -25.72 -21.48 10.37
C GLN B 2 -24.58 -20.76 9.52
N ARG B 3 -24.71 -19.45 9.18
CA ARG B 3 -23.74 -18.82 8.30
C ARG B 3 -23.48 -17.35 8.53
N LEU B 4 -22.31 -16.84 8.07
CA LEU B 4 -21.96 -15.42 8.08
C LEU B 4 -21.57 -15.11 6.68
N HIS B 5 -22.31 -14.24 6.02
CA HIS B 5 -22.01 -13.83 4.67
C HIS B 5 -21.54 -12.39 4.72
N MET B 6 -20.56 -12.00 3.87
CA MET B 6 -20.08 -10.63 3.81
C MET B 6 -20.05 -10.17 2.38
N LEU B 7 -20.51 -8.94 2.12
CA LEU B 7 -20.52 -8.40 0.78
C LEU B 7 -19.84 -7.04 0.76
N GLN B 8 -18.98 -6.81 -0.22
CA GLN B 8 -18.30 -5.52 -0.35
C GLN B 8 -18.37 -5.09 -1.81
N ILE B 9 -18.88 -3.87 -2.08
CA ILE B 9 -18.91 -3.32 -3.42
C ILE B 9 -17.98 -2.16 -3.35
N SER B 10 -17.06 -2.08 -4.32
CA SER B 10 -16.08 -1.04 -4.38
C SER B 10 -16.21 -0.31 -5.70
N TYR B 11 -16.64 0.94 -5.65
CA TYR B 11 -16.85 1.76 -6.84
C TYR B 11 -15.63 2.65 -7.05
N PHE B 12 -14.87 2.38 -8.12
CA PHE B 12 -13.68 3.14 -8.45
C PHE B 12 -13.98 4.19 -9.52
N ARG B 13 -13.92 5.49 -9.19
CA ARG B 13 -14.10 6.57 -10.16
C ARG B 13 -12.82 6.64 -11.03
N ASP B 14 -11.67 6.45 -10.38
CA ASP B 14 -10.34 6.38 -10.95
C ASP B 14 -9.49 5.48 -10.05
N PRO B 15 -8.17 5.28 -10.33
CA PRO B 15 -7.39 4.36 -9.48
C PRO B 15 -7.28 4.75 -8.01
N TYR B 16 -7.28 6.05 -7.74
CA TYR B 16 -7.00 6.63 -6.43
C TYR B 16 -8.19 7.00 -5.57
N HIS B 17 -9.42 6.91 -6.09
CA HIS B 17 -10.63 7.22 -5.33
C HIS B 17 -11.62 6.07 -5.39
N VAL B 18 -12.08 5.61 -4.23
CA VAL B 18 -13.03 4.50 -4.15
C VAL B 18 -14.09 4.76 -3.14
N TRP B 19 -15.30 4.33 -3.44
CA TRP B 19 -16.43 4.40 -2.53
C TRP B 19 -16.78 2.97 -2.22
N TYR B 20 -16.78 2.64 -0.93
CA TYR B 20 -17.12 1.29 -0.48
C TYR B 20 -18.55 1.25 0.00
N GLN B 21 -19.20 0.12 -0.18
CA GLN B 21 -20.57 -0.08 0.24
C GLN B 21 -20.70 -1.57 0.49
N GLY B 22 -20.98 -1.94 1.72
CA GLY B 22 -21.07 -3.37 2.02
C GLY B 22 -21.93 -3.69 3.21
N ASN B 23 -22.07 -4.98 3.49
CA ASN B 23 -22.85 -5.48 4.61
C ASN B 23 -22.52 -6.92 4.97
N ALA B 24 -23.03 -7.38 6.10
CA ALA B 24 -22.85 -8.75 6.51
C ALA B 24 -24.12 -9.22 7.18
N SER B 25 -24.37 -10.51 7.13
CA SER B 25 -25.55 -11.10 7.69
C SER B 25 -25.25 -12.42 8.35
N LEU B 26 -25.94 -12.71 9.47
CA LEU B 26 -25.90 -13.99 10.15
C LEU B 26 -27.25 -14.64 9.79
N GLY B 27 -27.20 -15.63 8.89
CA GLY B 27 -28.38 -16.33 8.37
C GLY B 27 -29.63 -15.49 8.19
N GLY B 28 -29.71 -14.77 7.07
CA GLY B 28 -30.84 -13.90 6.70
C GLY B 28 -30.80 -12.51 7.33
N HIS B 29 -30.41 -12.44 8.63
CA HIS B 29 -30.41 -11.24 9.46
C HIS B 29 -29.23 -10.30 9.24
N LEU B 30 -29.51 -9.06 8.79
CA LEU B 30 -28.52 -8.04 8.56
C LEU B 30 -27.89 -7.64 9.87
N THR B 31 -26.55 -7.77 9.96
CA THR B 31 -25.80 -7.51 11.19
C THR B 31 -24.81 -6.39 11.11
N HIS B 32 -24.27 -6.14 9.91
CA HIS B 32 -23.21 -5.13 9.74
C HIS B 32 -23.38 -4.34 8.46
N VAL B 33 -22.92 -3.11 8.49
CA VAL B 33 -22.94 -2.26 7.31
C VAL B 33 -21.58 -1.59 7.22
N LEU B 34 -21.19 -1.28 6.00
CA LEU B 34 -19.92 -0.65 5.72
C LEU B 34 -20.22 0.38 4.64
N GLU B 35 -19.73 1.61 4.82
CA GLU B 35 -19.92 2.62 3.78
C GLU B 35 -18.97 3.83 3.92
N GLY B 36 -18.49 4.33 2.80
CA GLY B 36 -17.70 5.54 2.81
C GLY B 36 -16.59 5.57 1.79
N PRO B 37 -15.91 6.75 1.68
CA PRO B 37 -14.77 6.87 0.76
C PRO B 37 -13.59 6.13 1.34
N ASP B 38 -12.55 5.90 0.54
CA ASP B 38 -11.38 5.13 0.97
C ASP B 38 -10.75 5.58 2.21
N THR B 39 -10.69 6.86 2.42
CA THR B 39 -10.07 7.35 3.64
C THR B 39 -10.97 7.32 4.89
N ASN B 40 -12.28 7.51 4.70
CA ASN B 40 -13.18 7.55 5.82
C ASN B 40 -14.30 6.54 5.65
N THR B 41 -13.93 5.25 5.73
CA THR B 41 -14.93 4.19 5.64
C THR B 41 -15.52 3.87 7.00
N THR B 42 -16.83 3.95 7.12
CA THR B 42 -17.47 3.65 8.39
C THR B 42 -17.89 2.23 8.41
N ILE B 43 -17.56 1.53 9.51
CA ILE B 43 -17.91 0.12 9.71
C ILE B 43 -18.74 -0.02 10.99
N ILE B 44 -19.95 -0.56 10.88
CA ILE B 44 -20.82 -0.72 12.04
C ILE B 44 -21.47 -2.08 12.22
N GLN B 45 -21.58 -2.50 13.49
CA GLN B 45 -22.31 -3.68 13.88
C GLN B 45 -23.63 -3.12 14.40
N LEU B 46 -24.70 -3.41 13.70
CA LEU B 46 -26.04 -2.90 13.97
C LEU B 46 -26.55 -3.26 15.37
N GLN B 47 -26.08 -4.40 15.89
CA GLN B 47 -26.35 -4.88 17.24
C GLN B 47 -25.02 -5.12 17.95
N PRO B 48 -24.94 -4.84 19.28
CA PRO B 48 -23.67 -5.03 20.03
C PRO B 48 -23.21 -6.50 20.18
N LEU B 49 -23.02 -7.22 19.07
CA LEU B 49 -22.63 -8.63 19.09
C LEU B 49 -21.27 -8.86 19.72
N GLN B 50 -20.31 -7.99 19.40
CA GLN B 50 -18.98 -8.02 19.98
C GLN B 50 -18.87 -6.88 20.96
N GLU B 51 -18.17 -7.12 22.07
CA GLU B 51 -17.97 -6.11 23.10
C GLU B 51 -17.00 -5.03 22.54
N PRO B 52 -16.91 -3.82 23.14
CA PRO B 52 -16.06 -2.75 22.59
C PRO B 52 -14.64 -3.09 22.13
N GLU B 53 -13.86 -3.78 22.96
CA GLU B 53 -12.47 -4.19 22.70
C GLU B 53 -12.37 -5.09 21.45
N SER B 54 -13.20 -6.15 21.42
CA SER B 54 -13.24 -7.13 20.34
C SER B 54 -13.69 -6.50 19.03
N TRP B 55 -14.68 -5.60 19.09
CA TRP B 55 -15.16 -4.93 17.89
C TRP B 55 -14.10 -4.01 17.31
N ALA B 56 -13.38 -3.27 18.18
CA ALA B 56 -12.32 -2.37 17.78
C ALA B 56 -11.22 -3.14 17.06
N ARG B 57 -10.91 -4.36 17.51
CA ARG B 57 -9.91 -5.20 16.88
C ARG B 57 -10.38 -5.64 15.50
N THR B 58 -11.65 -6.07 15.40
CA THR B 58 -12.24 -6.49 14.11
C THR B 58 -12.27 -5.35 13.11
N GLN B 59 -12.66 -4.13 13.56
CA GLN B 59 -12.70 -2.94 12.72
C GLN B 59 -11.28 -2.63 12.21
N SER B 60 -10.27 -2.78 13.08
CA SER B 60 -8.91 -2.53 12.68
C SER B 60 -8.47 -3.49 11.54
N GLY B 61 -8.90 -4.74 11.63
CA GLY B 61 -8.57 -5.72 10.62
C GLY B 61 -9.26 -5.40 9.32
N LEU B 62 -10.54 -4.97 9.41
CA LEU B 62 -11.29 -4.64 8.22
C LEU B 62 -10.76 -3.38 7.55
N GLN B 63 -10.34 -2.38 8.33
CA GLN B 63 -9.76 -1.18 7.76
C GLN B 63 -8.44 -1.48 7.09
N SER B 64 -7.63 -2.43 7.63
CA SER B 64 -6.34 -2.78 7.05
C SER B 64 -6.57 -3.48 5.77
N TYR B 65 -7.62 -4.30 5.75
CA TYR B 65 -8.03 -5.02 4.54
C TYR B 65 -8.38 -4.01 3.44
N LEU B 66 -9.21 -2.99 3.75
CA LEU B 66 -9.59 -2.02 2.76
C LEU B 66 -8.43 -1.28 2.13
N LEU B 67 -7.45 -0.90 2.92
CA LEU B 67 -6.27 -0.23 2.41
C LEU B 67 -5.45 -1.11 1.52
N GLN B 68 -5.33 -2.39 1.86
CA GLN B 68 -4.58 -3.40 1.07
C GLN B 68 -5.25 -3.72 -0.24
N PHE B 69 -6.56 -3.94 -0.19
CA PHE B 69 -7.42 -4.21 -1.30
C PHE B 69 -7.25 -3.07 -2.31
N HIS B 70 -7.46 -1.80 -1.86
CA HIS B 70 -7.28 -0.68 -2.76
C HIS B 70 -5.87 -0.71 -3.42
N GLY B 71 -4.87 -1.04 -2.63
CA GLY B 71 -3.49 -1.09 -3.09
C GLY B 71 -3.32 -2.05 -4.23
N LEU B 72 -3.96 -3.24 -4.09
CA LEU B 72 -3.89 -4.28 -5.11
C LEU B 72 -4.52 -3.81 -6.44
N VAL B 73 -5.69 -3.13 -6.36
CA VAL B 73 -6.35 -2.59 -7.54
C VAL B 73 -5.45 -1.57 -8.21
N ARG B 74 -4.88 -0.64 -7.42
CA ARG B 74 -3.93 0.35 -7.93
C ARG B 74 -2.74 -0.33 -8.60
N LEU B 75 -2.23 -1.45 -8.02
CA LEU B 75 -1.09 -2.16 -8.62
C LEU B 75 -1.44 -2.73 -9.99
N VAL B 76 -2.62 -3.41 -10.08
CA VAL B 76 -3.06 -4.03 -11.34
C VAL B 76 -3.17 -2.95 -12.40
N HIS B 77 -3.75 -1.79 -12.03
CA HIS B 77 -3.84 -0.70 -12.98
C HIS B 77 -2.47 -0.24 -13.43
N GLN B 78 -1.55 0.03 -12.46
CA GLN B 78 -0.20 0.53 -12.74
C GLN B 78 0.59 -0.40 -13.63
N GLU B 79 0.36 -1.71 -13.47
CA GLU B 79 1.09 -2.73 -14.21
C GLU B 79 0.50 -3.19 -15.52
N ARG B 80 -0.85 -3.24 -15.59
CA ARG B 80 -1.57 -3.83 -16.72
C ARG B 80 -2.62 -2.95 -17.37
N THR B 81 -2.98 -1.84 -16.71
CA THR B 81 -4.01 -0.87 -17.16
C THR B 81 -5.43 -1.39 -17.00
N LEU B 82 -6.22 -0.69 -16.17
CA LEU B 82 -7.63 -0.97 -15.96
C LEU B 82 -8.44 0.17 -16.54
N ALA B 83 -9.64 -0.15 -17.06
CA ALA B 83 -10.56 0.82 -17.65
C ALA B 83 -11.52 1.34 -16.58
N PHE B 84 -11.44 2.66 -16.29
CA PHE B 84 -12.24 3.32 -15.24
C PHE B 84 -13.43 4.11 -15.83
N PRO B 85 -14.59 4.24 -15.13
CA PRO B 85 -14.92 3.75 -13.78
C PRO B 85 -15.18 2.26 -13.78
N LEU B 86 -14.97 1.62 -12.64
CA LEU B 86 -15.21 0.20 -12.52
C LEU B 86 -15.71 -0.13 -11.15
N THR B 87 -16.33 -1.28 -11.03
CA THR B 87 -16.91 -1.73 -9.81
C THR B 87 -16.38 -3.13 -9.55
N ILE B 88 -16.02 -3.40 -8.30
CA ILE B 88 -15.54 -4.72 -7.87
C ILE B 88 -16.47 -5.21 -6.77
N ARG B 89 -16.84 -6.47 -6.80
CA ARG B 89 -17.70 -7.02 -5.78
C ARG B 89 -16.99 -8.20 -5.19
N CYS B 90 -16.95 -8.25 -3.86
CA CYS B 90 -16.36 -9.34 -3.10
C CYS B 90 -17.50 -9.95 -2.33
N PHE B 91 -17.70 -11.26 -2.46
CA PHE B 91 -18.74 -11.96 -1.74
C PHE B 91 -18.07 -13.11 -1.07
N LEU B 92 -18.14 -13.16 0.24
CA LEU B 92 -17.40 -14.15 1.01
C LEU B 92 -18.14 -14.60 2.26
N GLY B 93 -17.68 -15.69 2.86
CA GLY B 93 -18.32 -16.13 4.09
C GLY B 93 -18.00 -17.55 4.48
N CYS B 94 -18.68 -18.01 5.53
CA CYS B 94 -18.52 -19.34 6.08
C CYS B 94 -19.89 -19.93 6.42
N GLU B 95 -20.07 -21.22 6.17
CA GLU B 95 -21.35 -21.89 6.40
C GLU B 95 -21.07 -23.17 7.14
N LEU B 96 -21.76 -23.36 8.26
CA LEU B 96 -21.54 -24.51 9.12
C LEU B 96 -22.66 -25.53 8.94
N PRO B 97 -22.34 -26.69 8.33
CA PRO B 97 -23.37 -27.72 8.14
C PRO B 97 -23.79 -28.33 9.49
N PRO B 98 -25.08 -28.70 9.65
CA PRO B 98 -25.53 -29.33 10.92
C PRO B 98 -24.64 -30.50 11.41
N GLU B 99 -24.71 -31.69 10.76
CA GLU B 99 -23.87 -32.83 11.12
C GLU B 99 -22.73 -32.94 10.10
N GLY B 100 -22.03 -31.84 9.87
CA GLY B 100 -20.95 -31.76 8.91
C GLY B 100 -19.71 -31.15 9.52
N SER B 101 -18.68 -31.97 9.68
CA SER B 101 -17.38 -31.58 10.25
C SER B 101 -16.79 -30.24 9.70
N ARG B 102 -16.44 -30.17 8.40
CA ARG B 102 -15.83 -28.96 7.84
C ARG B 102 -16.83 -27.94 7.35
N ALA B 103 -16.62 -26.69 7.79
CA ALA B 103 -17.43 -25.55 7.37
C ALA B 103 -17.12 -25.25 5.90
N HIS B 104 -18.15 -24.90 5.11
CA HIS B 104 -17.94 -24.51 3.71
C HIS B 104 -17.64 -23.01 3.70
N VAL B 105 -16.57 -22.63 2.98
CA VAL B 105 -16.09 -21.26 2.89
C VAL B 105 -15.92 -20.82 1.44
N PHE B 106 -16.00 -19.51 1.20
CA PHE B 106 -15.85 -18.93 -0.13
C PHE B 106 -15.42 -17.46 -0.11
N PHE B 107 -14.85 -17.02 -1.22
CA PHE B 107 -14.47 -15.64 -1.46
C PHE B 107 -14.45 -15.50 -2.96
N GLU B 108 -15.50 -14.84 -3.50
CA GLU B 108 -15.66 -14.65 -4.95
C GLU B 108 -15.59 -13.17 -5.34
N VAL B 109 -14.83 -12.88 -6.38
CA VAL B 109 -14.62 -11.50 -6.84
C VAL B 109 -15.21 -11.30 -8.23
N ALA B 110 -16.02 -10.25 -8.42
CA ALA B 110 -16.56 -9.91 -9.73
C ALA B 110 -16.11 -8.51 -10.13
N VAL B 111 -15.95 -8.24 -11.42
CA VAL B 111 -15.55 -6.90 -11.89
C VAL B 111 -16.57 -6.44 -12.94
N ASN B 112 -17.17 -5.27 -12.73
CA ASN B 112 -18.21 -4.73 -13.62
C ASN B 112 -19.37 -5.74 -13.87
N GLY B 113 -19.77 -6.43 -12.79
CA GLY B 113 -20.84 -7.42 -12.82
C GLY B 113 -20.50 -8.79 -13.39
N SER B 114 -19.25 -9.02 -13.80
CA SER B 114 -18.86 -10.32 -14.36
C SER B 114 -17.88 -11.06 -13.47
N SER B 115 -18.08 -12.38 -13.25
CA SER B 115 -17.20 -13.25 -12.44
C SER B 115 -15.78 -13.06 -12.91
N PHE B 116 -14.85 -12.99 -11.95
CA PHE B 116 -13.44 -12.68 -12.22
C PHE B 116 -12.50 -13.72 -11.63
N VAL B 117 -12.38 -13.74 -10.30
CA VAL B 117 -11.51 -14.71 -9.62
C VAL B 117 -12.22 -15.19 -8.37
N SER B 118 -11.78 -16.32 -7.82
CA SER B 118 -12.33 -16.82 -6.58
C SER B 118 -11.33 -17.67 -5.84
N PHE B 119 -11.51 -17.78 -4.54
CA PHE B 119 -10.59 -18.51 -3.68
C PHE B 119 -10.97 -19.95 -3.54
N ARG B 120 -9.95 -20.78 -3.55
CA ARG B 120 -10.09 -22.21 -3.38
C ARG B 120 -9.41 -22.53 -2.06
N PRO B 121 -10.16 -22.80 -0.96
CA PRO B 121 -9.51 -23.04 0.32
C PRO B 121 -8.70 -24.32 0.52
N GLU B 122 -8.91 -25.35 -0.31
CA GLU B 122 -8.22 -26.64 -0.19
C GLU B 122 -6.71 -26.49 -0.21
N ARG B 123 -6.18 -25.79 -1.21
CA ARG B 123 -4.74 -25.55 -1.32
C ARG B 123 -4.40 -24.08 -1.11
N ALA B 124 -5.44 -23.29 -0.72
CA ALA B 124 -5.37 -21.86 -0.45
C ALA B 124 -4.85 -21.11 -1.68
N LEU B 125 -5.51 -21.33 -2.81
CA LEU B 125 -5.11 -20.72 -4.07
C LEU B 125 -6.25 -20.04 -4.73
N TRP B 126 -5.96 -19.01 -5.52
CA TRP B 126 -6.98 -18.27 -6.26
C TRP B 126 -7.01 -18.75 -7.68
N GLN B 127 -8.21 -18.83 -8.28
CA GLN B 127 -8.39 -19.30 -9.67
C GLN B 127 -9.22 -18.30 -10.44
N ALA B 128 -9.16 -18.33 -11.76
CA ALA B 128 -9.99 -17.47 -12.59
C ALA B 128 -11.38 -18.08 -12.72
N ASP B 129 -12.41 -17.23 -12.71
CA ASP B 129 -13.79 -17.59 -12.95
C ASP B 129 -14.21 -16.92 -14.27
N THR B 130 -13.23 -16.40 -15.07
CA THR B 130 -13.38 -15.72 -16.38
C THR B 130 -14.49 -14.68 -16.48
N SER B 134 -6.20 -11.71 -21.58
CA SER B 134 -6.36 -12.07 -20.16
C SER B 134 -5.17 -11.57 -19.29
N GLY B 135 -4.48 -10.50 -19.71
CA GLY B 135 -3.31 -9.99 -19.00
C GLY B 135 -3.60 -9.61 -17.57
N VAL B 136 -4.72 -8.91 -17.41
CA VAL B 136 -5.23 -8.46 -16.12
C VAL B 136 -5.50 -9.62 -15.17
N VAL B 137 -6.18 -10.65 -15.67
CA VAL B 137 -6.53 -11.80 -14.85
C VAL B 137 -5.28 -12.53 -14.42
N THR B 138 -4.38 -12.77 -15.37
CA THR B 138 -3.15 -13.50 -15.08
C THR B 138 -2.29 -12.79 -14.04
N PHE B 139 -2.11 -11.48 -14.21
CA PHE B 139 -1.37 -10.66 -13.25
C PHE B 139 -2.00 -10.68 -11.86
N THR B 140 -3.33 -10.45 -11.78
CA THR B 140 -4.04 -10.47 -10.52
C THR B 140 -3.85 -11.80 -9.79
N LEU B 141 -3.98 -12.92 -10.52
CA LEU B 141 -3.81 -14.24 -9.91
C LEU B 141 -2.42 -14.45 -9.41
N GLN B 142 -1.41 -14.00 -10.20
CA GLN B 142 0.02 -14.12 -9.86
C GLN B 142 0.25 -13.48 -8.48
N GLN B 143 -0.30 -12.27 -8.30
CA GLN B 143 -0.19 -11.49 -7.08
C GLN B 143 -0.88 -12.17 -5.92
N LEU B 144 -2.15 -12.53 -6.08
CA LEU B 144 -2.94 -13.18 -5.01
C LEU B 144 -2.34 -14.53 -4.55
N ASN B 145 -1.73 -15.27 -5.48
CA ASN B 145 -1.12 -16.57 -5.19
C ASN B 145 0.35 -16.48 -4.76
N ALA B 146 0.87 -15.24 -4.59
CA ALA B 146 2.28 -15.06 -4.26
C ALA B 146 2.59 -14.91 -2.80
N TYR B 147 1.60 -14.46 -2.02
CA TYR B 147 1.83 -14.10 -0.63
C TYR B 147 1.05 -14.86 0.41
N ASN B 148 1.66 -15.06 1.59
CA ASN B 148 1.04 -15.73 2.74
C ASN B 148 -0.25 -15.02 3.16
N ARG B 149 -0.22 -13.69 3.10
CA ARG B 149 -1.35 -12.82 3.47
C ARG B 149 -2.63 -13.13 2.69
N THR B 150 -2.53 -13.20 1.38
CA THR B 150 -3.63 -13.41 0.46
C THR B 150 -3.99 -14.92 0.30
N ARG B 151 -3.18 -15.80 0.87
CA ARG B 151 -3.44 -17.25 0.77
C ARG B 151 -3.79 -17.84 2.13
N TYR B 152 -2.79 -18.06 2.98
CA TYR B 152 -2.98 -18.70 4.28
C TYR B 152 -3.71 -17.88 5.32
N GLU B 153 -3.35 -16.59 5.47
CA GLU B 153 -4.01 -15.70 6.43
C GLU B 153 -5.48 -15.54 6.05
N LEU B 154 -5.75 -15.45 4.73
CA LEU B 154 -7.11 -15.33 4.20
C LEU B 154 -7.89 -16.60 4.52
N ARG B 155 -7.29 -17.78 4.29
CA ARG B 155 -7.96 -19.05 4.60
C ARG B 155 -8.30 -19.13 6.07
N GLU B 156 -7.38 -18.68 6.94
CA GLU B 156 -7.60 -18.68 8.40
C GLU B 156 -8.70 -17.71 8.80
N PHE B 157 -8.85 -16.59 8.07
CA PHE B 157 -9.94 -15.68 8.38
C PHE B 157 -11.27 -16.39 8.13
N LEU B 158 -11.36 -17.09 6.99
CA LEU B 158 -12.59 -17.76 6.56
C LEU B 158 -12.94 -18.99 7.41
N GLU B 159 -11.95 -19.89 7.59
CA GLU B 159 -12.14 -21.15 8.28
C GLU B 159 -12.08 -21.08 9.79
N ASP B 160 -11.36 -20.10 10.32
CA ASP B 160 -11.16 -20.00 11.75
C ASP B 160 -11.92 -18.82 12.36
N THR B 161 -11.57 -17.59 11.97
CA THR B 161 -12.20 -16.38 12.52
C THR B 161 -13.69 -16.34 12.25
N CYS B 162 -14.07 -16.53 11.00
CA CYS B 162 -15.46 -16.49 10.55
C CYS B 162 -16.31 -17.59 11.22
N VAL B 163 -15.79 -18.81 11.25
CA VAL B 163 -16.47 -19.94 11.86
C VAL B 163 -16.71 -19.71 13.34
N GLN B 164 -15.66 -19.29 14.08
CA GLN B 164 -15.82 -19.00 15.52
C GLN B 164 -16.86 -17.91 15.79
N TYR B 165 -16.94 -16.90 14.89
CA TYR B 165 -17.89 -15.82 15.01
C TYR B 165 -19.30 -16.38 14.91
N VAL B 166 -19.55 -17.27 13.92
CA VAL B 166 -20.86 -17.90 13.77
C VAL B 166 -21.22 -18.71 15.01
N GLN B 167 -20.29 -19.54 15.50
CA GLN B 167 -20.51 -20.37 16.69
C GLN B 167 -20.81 -19.57 17.95
N LYS B 168 -20.17 -18.40 18.09
CA LYS B 168 -20.35 -17.54 19.25
C LYS B 168 -21.63 -16.70 19.22
N HIS B 169 -21.90 -16.03 18.08
CA HIS B 169 -23.00 -15.08 17.93
C HIS B 169 -24.38 -15.59 17.49
N ILE B 170 -24.44 -16.83 16.97
CA ILE B 170 -25.72 -17.45 16.64
C ILE B 170 -26.10 -18.37 17.81
N SER B 171 -25.17 -19.32 18.17
CA SER B 171 -25.37 -20.28 19.27
C SER B 171 -25.57 -19.65 20.68
C1 NAG C . -16.73 -0.84 -16.37
C2 NAG C . -15.60 -0.73 -17.40
C3 NAG C . -15.39 0.67 -17.98
C4 NAG C . -16.71 1.36 -18.32
C5 NAG C . -17.67 1.24 -17.13
C6 NAG C . -19.03 1.85 -17.37
C7 NAG C . -13.99 -2.52 -16.80
C8 NAG C . -12.61 -2.80 -16.29
N2 NAG C . -14.36 -1.23 -16.82
O3 NAG C . -14.60 0.59 -19.17
O4 NAG C . -16.43 2.71 -18.66
O5 NAG C . -17.90 -0.14 -16.83
O6 NAG C . -18.99 3.28 -17.34
O7 NAG C . -14.75 -3.42 -17.17
C1 NAG C . -16.84 3.25 -19.93
C2 NAG C . -16.99 4.76 -19.82
C3 NAG C . -16.65 5.38 -21.16
C4 NAG C . -15.22 5.03 -21.55
C5 NAG C . -14.96 3.54 -21.57
C6 NAG C . -13.70 3.10 -20.85
C7 NAG C . -18.59 6.14 -18.54
C8 NAG C . -20.03 6.35 -18.19
N2 NAG C . -18.33 5.13 -19.39
O3 NAG C . -16.82 6.80 -21.06
O4 NAG C . -14.72 5.67 -22.74
O5 NAG C . -16.07 2.76 -21.05
O6 NAG C . -13.08 2.00 -21.48
O7 NAG C . -17.70 6.85 -18.08
C1 MAN C . -15.59 6.17 -23.78
C2 MAN C . -14.96 5.95 -25.18
C3 MAN C . -13.93 7.02 -25.57
C4 MAN C . -14.41 8.43 -25.22
C5 MAN C . -14.86 8.48 -23.77
C6 MAN C . -15.38 9.83 -23.33
O2 MAN C . -15.97 5.84 -26.17
O3 MAN C . -13.63 6.93 -26.96
O4 MAN C . -13.37 9.37 -25.45
O5 MAN C . -15.93 7.55 -23.57
O6 MAN C . -15.76 9.82 -21.95
C1 NAG D . 4.63 -18.29 5.04
C2 NAG D . 5.35 -18.25 6.40
C3 NAG D . 5.65 -19.64 6.99
C4 NAG D . 4.45 -20.56 6.79
C5 NAG D . 4.26 -20.75 5.28
C6 NAG D . 3.16 -21.73 4.92
C7 NAG D . 6.52 -16.10 6.68
C8 NAG D . 7.87 -15.43 6.76
N2 NAG D . 6.54 -17.41 6.41
O3 NAG D . 6.03 -19.53 8.35
O4 NAG D . 4.59 -21.78 7.52
O5 NAG D . 3.90 -19.49 4.69
O6 NAG D . 3.17 -22.04 3.54
O7 NAG D . 5.48 -15.46 6.86
C1 NAG D . 3.51 -22.30 8.36
C2 NAG D . 3.07 -21.32 9.47
C3 NAG D . 1.58 -21.04 9.55
C4 NAG D . 0.86 -21.48 8.27
C5 NAG D . 1.17 -22.94 7.99
C6 NAG D . 0.38 -23.52 6.84
C7 NAG D . 4.20 -21.17 11.68
C8 NAG D . 4.69 -21.96 12.86
N2 NAG D . 3.56 -21.88 10.73
O3 NAG D . 1.32 -19.66 9.80
O4 NAG D . -0.54 -21.24 8.38
O5 NAG D . 2.56 -23.09 7.62
O6 NAG D . 0.73 -24.87 6.61
O7 NAG D . 4.39 -19.97 11.58
C1 PTY E . -5.93 -10.33 5.94
C2 PTY E . -4.85 -13.11 13.21
C3 PTY E . -5.18 -11.63 12.92
O4 PTY E . -6.67 -9.94 4.75
C5 PTY E . -6.11 -10.65 8.39
C6 PTY E . -6.80 -10.16 7.15
O7 PTY E . -8.02 -10.96 6.96
C8 PTY E . -9.21 -10.38 7.19
O10 PTY E . -9.53 -9.91 8.26
C11 PTY E . -10.09 -10.44 5.98
C12 PTY E . -10.87 -9.15 5.73
C13 PTY E . -12.35 -9.40 5.49
C14 PTY E . -12.85 -8.89 4.14
C15 PTY E . -14.35 -8.70 4.08
C16 PTY E . -14.79 -7.29 3.69
C17 PTY E . -16.25 -6.99 3.99
C18 PTY E . -16.47 -6.24 5.29
C19 PTY E . -17.93 -5.89 5.57
C20 PTY E . -18.60 -6.84 6.56
C21 PTY E . -18.48 -6.43 8.01
C22 PTY E . -18.43 -7.59 8.98
C23 PTY E . -17.86 -7.24 10.34
C24 PTY E . -17.55 -8.44 11.21
C25 PTY E . -16.07 -8.74 11.31
C26 PTY E . -15.69 -10.12 10.79
C27 PTY E . -14.65 -10.84 11.63
C28 PTY E . -15.22 -11.93 12.52
C29 PTY E . -14.71 -11.86 13.93
C30 PTY E . -6.17 -10.31 3.57
C31 PTY E . -5.71 -9.11 2.77
O30 PTY E . -6.11 -11.45 3.19
C32 PTY E . -5.59 -9.35 1.27
C33 PTY E . -6.65 -8.63 0.47
C34 PTY E . -6.96 -9.28 -0.88
C35 PTY E . -8.39 -9.73 -1.04
C36 PTY E . -8.74 -10.21 -2.44
C37 PTY E . -9.58 -9.23 -3.22
C38 PTY E . -8.83 -8.54 -4.36
C39 PTY E . -9.51 -8.67 -5.71
C40 PTY E . -9.44 -7.42 -6.56
C41 PTY E . -9.02 -7.67 -8.00
C42 PTY E . -8.83 -6.40 -8.82
C43 PTY E . -8.02 -6.59 -10.07
C44 PTY E . -8.68 -6.02 -11.31
P1 PTY E . -6.40 -10.23 11.00
O11 PTY E . -5.83 -11.59 11.62
O12 PTY E . -5.48 -9.07 11.00
O13 PTY E . -7.70 -10.08 11.77
O14 PTY E . -6.97 -10.66 9.55
N1 PTY E . -3.42 -13.22 13.51
C1 NAG F . -26.02 -5.38 0.95
C2 NAG F . -27.55 -5.43 0.97
C3 NAG F . -28.07 -5.64 -0.46
C4 NAG F . -27.58 -4.53 -1.36
C5 NAG F . -26.05 -4.48 -1.34
C6 NAG F . -25.49 -3.29 -2.09
C7 NAG F . -29.19 -6.17 2.68
C8 NAG F . -29.59 -7.30 3.57
N2 NAG F . -28.12 -6.41 1.89
O3 NAG F . -29.49 -5.69 -0.48
O4 NAG F . -28.07 -4.67 -2.69
O5 NAG F . -25.59 -4.37 0.02
O6 NAG F . -24.55 -2.55 -1.32
O7 NAG F . -29.81 -5.11 2.66
C1 NAG G . -17.23 9.45 7.11
C2 NAG G . -17.50 10.86 7.65
C3 NAG G . -18.94 10.91 8.18
C4 NAG G . -19.93 10.52 7.10
C5 NAG G . -19.58 9.14 6.54
C6 NAG G . -20.40 8.76 5.32
C7 NAG G . -15.93 12.32 8.88
C8 NAG G . -14.74 12.32 9.79
N2 NAG G . -16.54 11.14 8.72
O3 NAG G . -19.24 12.21 8.65
O4 NAG G . -21.25 10.48 7.63
O5 NAG G . -18.21 9.11 6.12
O6 NAG G . -19.83 7.64 4.66
O7 NAG G . -16.30 13.34 8.31
#